data_2GHD
#
_entry.id   2GHD
#
_cell.length_a   82.293
_cell.length_b   82.293
_cell.length_c   75.666
_cell.angle_alpha   90.00
_cell.angle_beta   90.00
_cell.angle_gamma   90.00
#
_symmetry.space_group_name_H-M   'P 42 21 2'
#
loop_
_entity.id
_entity.type
_entity.pdbx_description
1 polymer 'cytosolic ascorbate peroxidase 1'
2 non-polymer 'SULFATE ION'
3 non-polymer 'CYANIDE ION'
4 non-polymer 'PROTOPORPHYRIN IX CONTAINING FE'
5 water water
#
_entity_poly.entity_id   1
_entity_poly.type   'polypeptide(L)'
_entity_poly.pdbx_seq_one_letter_code
;MRGSHHHHHHGSGKSYPTVSADYQKAVEKAKKKLRGFIAEKRCAPLMLRLAAHSAGTFDKGTKTGGPFGTIKHPAELAHS
ANNGLDIAVRLLEPLKAEFPILSYADFYQLAGVVAVEVTGGPEVPFHPGREDKPEPPPEGRLPDATKGSDHLRDVFGKAM
GLTDQDIVALSGGHTIGAAHKERSGFEGPWTSNPLIFDNSYFTELLSGEKEGLLQLPSDKALLSDPVFRPLVDKYAADED
AFFADYAEAHQKLSELGFADA
;
_entity_poly.pdbx_strand_id   X
#
loop_
_chem_comp.id
_chem_comp.type
_chem_comp.name
_chem_comp.formula
CYN non-polymer 'CYANIDE ION' 'C N -1'
HEM non-polymer 'PROTOPORPHYRIN IX CONTAINING FE' 'C34 H32 Fe N4 O4'
SO4 non-polymer 'SULFATE ION' 'O4 S -2'
#
# COMPACT_ATOMS: atom_id res chain seq x y z
N SER A 12 -16.39 -5.23 -5.64
CA SER A 12 -17.81 -5.39 -5.20
C SER A 12 -18.35 -4.07 -4.64
N GLY A 13 -19.61 -3.79 -4.95
CA GLY A 13 -20.30 -2.60 -4.44
C GLY A 13 -19.87 -1.28 -5.05
N LYS A 14 -19.03 -1.33 -6.08
CA LYS A 14 -18.44 -0.13 -6.67
C LYS A 14 -19.14 0.38 -7.93
N SER A 15 -19.36 1.68 -7.97
CA SER A 15 -19.85 2.35 -9.16
C SER A 15 -18.92 3.50 -9.51
N TYR A 16 -18.04 3.26 -10.48
CA TYR A 16 -16.98 4.20 -10.81
C TYR A 16 -17.47 5.42 -11.60
N PRO A 17 -16.93 6.61 -11.27
CA PRO A 17 -17.40 7.81 -11.96
C PRO A 17 -16.92 7.91 -13.41
N THR A 18 -17.66 8.66 -14.20
CA THR A 18 -17.24 8.98 -15.55
C THR A 18 -16.14 10.05 -15.50
N VAL A 19 -15.07 9.81 -16.24
CA VAL A 19 -14.06 10.86 -16.48
C VAL A 19 -13.91 11.10 -17.99
N SER A 20 -13.50 12.31 -18.36
CA SER A 20 -13.34 12.66 -19.77
C SER A 20 -12.28 11.82 -20.48
N ALA A 21 -12.35 11.81 -21.81
CA ALA A 21 -11.32 11.16 -22.62
C ALA A 21 -9.92 11.74 -22.35
N ASP A 22 -9.83 13.05 -22.17
CA ASP A 22 -8.55 13.68 -21.86
C ASP A 22 -7.99 13.19 -20.52
N TYR A 23 -8.89 12.99 -19.55
CA TYR A 23 -8.46 12.45 -18.24
C TYR A 23 -7.89 11.05 -18.42
N GLN A 24 -8.60 10.20 -19.16
CA GLN A 24 -8.11 8.83 -19.36
CA GLN A 24 -8.16 8.83 -19.43
C GLN A 24 -6.81 8.78 -20.15
N LYS A 25 -6.65 9.68 -21.12
N LYS A 25 -6.61 9.68 -21.11
CA LYS A 25 -5.39 9.82 -21.85
CA LYS A 25 -5.33 9.73 -21.83
C LYS A 25 -4.24 10.07 -20.87
C LYS A 25 -4.17 10.13 -20.91
N ALA A 26 -4.43 11.01 -19.96
CA ALA A 26 -3.42 11.38 -18.97
C ALA A 26 -3.11 10.22 -18.03
N VAL A 27 -4.13 9.47 -17.62
CA VAL A 27 -3.88 8.27 -16.81
C VAL A 27 -2.92 7.31 -17.54
N GLU A 28 -3.19 7.05 -18.81
CA GLU A 28 -2.38 6.11 -19.58
C GLU A 28 -0.94 6.58 -19.73
N LYS A 29 -0.75 7.86 -20.02
CA LYS A 29 0.59 8.41 -20.17
C LYS A 29 1.32 8.46 -18.83
N ALA A 30 0.62 8.85 -17.78
CA ALA A 30 1.22 8.91 -16.45
C ALA A 30 1.67 7.53 -15.97
N LYS A 31 0.90 6.50 -16.31
CA LYS A 31 1.28 5.13 -15.92
C LYS A 31 2.65 4.78 -16.51
N LYS A 32 2.86 5.11 -17.79
CA LYS A 32 4.13 4.82 -18.44
C LYS A 32 5.26 5.63 -17.83
N LYS A 33 5.04 6.93 -17.61
CA LYS A 33 6.07 7.76 -17.01
C LYS A 33 6.43 7.32 -15.59
N LEU A 34 5.42 6.92 -14.82
CA LEU A 34 5.65 6.37 -13.48
C LEU A 34 6.49 5.10 -13.52
N ARG A 35 6.24 4.23 -14.50
CA ARG A 35 7.05 3.00 -14.57
C ARG A 35 8.53 3.37 -14.68
N GLY A 36 8.86 4.22 -15.65
CA GLY A 36 10.25 4.55 -15.89
C GLY A 36 10.87 5.25 -14.70
N PHE A 37 10.13 6.20 -14.12
CA PHE A 37 10.64 6.98 -12.98
C PHE A 37 10.89 6.10 -11.76
N ILE A 38 9.90 5.28 -11.41
CA ILE A 38 9.99 4.45 -10.21
C ILE A 38 11.11 3.41 -10.35
N ALA A 39 11.21 2.81 -11.54
CA ALA A 39 12.31 1.87 -11.78
C ALA A 39 13.67 2.55 -11.67
N GLU A 40 13.83 3.71 -12.30
CA GLU A 40 15.12 4.40 -12.28
C GLU A 40 15.52 4.85 -10.87
N LYS A 41 14.55 5.36 -10.11
CA LYS A 41 14.82 5.93 -8.79
C LYS A 41 14.91 4.89 -7.68
N ARG A 42 14.51 3.65 -7.98
CA ARG A 42 14.55 2.53 -7.03
C ARG A 42 13.64 2.77 -5.83
N CYS A 43 12.53 3.46 -6.07
CA CYS A 43 11.68 3.91 -4.99
C CYS A 43 10.34 3.18 -4.93
N ALA A 44 10.21 2.04 -5.60
CA ALA A 44 8.94 1.31 -5.56
C ALA A 44 8.41 1.07 -4.14
N PRO A 45 9.26 0.57 -3.20
CA PRO A 45 8.68 0.32 -1.88
C PRO A 45 8.16 1.58 -1.20
N LEU A 46 8.90 2.68 -1.30
CA LEU A 46 8.45 3.93 -0.73
C LEU A 46 7.11 4.39 -1.32
N MET A 47 6.92 4.19 -2.63
CA MET A 47 5.69 4.59 -3.30
C MET A 47 4.51 3.71 -2.91
N LEU A 48 4.76 2.42 -2.69
CA LEU A 48 3.72 1.53 -2.21
C LEU A 48 3.31 1.92 -0.79
N ARG A 49 4.29 2.21 0.08
CA ARG A 49 3.99 2.70 1.43
C ARG A 49 3.18 4.01 1.38
N LEU A 50 3.56 4.91 0.48
CA LEU A 50 2.81 6.17 0.34
C LEU A 50 1.34 5.91 -0.04
N ALA A 51 1.11 5.01 -0.99
CA ALA A 51 -0.24 4.69 -1.41
C ALA A 51 -1.05 4.08 -0.26
N ALA A 52 -0.41 3.19 0.51
CA ALA A 52 -1.07 2.54 1.64
C ALA A 52 -1.38 3.53 2.78
N HIS A 53 -0.45 4.45 3.07
CA HIS A 53 -0.67 5.46 4.12
C HIS A 53 -1.72 6.48 3.73
N SER A 54 -1.86 6.73 2.43
CA SER A 54 -2.91 7.58 1.89
C SER A 54 -4.26 6.91 2.12
N ALA A 55 -4.35 5.62 1.78
CA ALA A 55 -5.61 4.88 1.81
C ALA A 55 -6.04 4.39 3.20
N GLY A 56 -5.07 4.00 4.02
CA GLY A 56 -5.32 3.29 5.29
C GLY A 56 -5.93 4.11 6.41
N THR A 57 -6.15 5.39 6.17
CA THR A 57 -6.79 6.26 7.16
C THR A 57 -8.32 6.24 7.06
N PHE A 58 -8.88 5.45 6.15
CA PHE A 58 -10.33 5.41 5.96
C PHE A 58 -11.04 4.78 7.16
N ASP A 59 -12.11 5.45 7.60
CA ASP A 59 -13.01 4.91 8.63
C ASP A 59 -14.40 4.77 8.04
N LYS A 60 -14.87 3.52 7.95
CA LYS A 60 -16.13 3.21 7.26
C LYS A 60 -17.38 3.77 7.94
N GLY A 61 -17.35 3.85 9.27
CA GLY A 61 -18.50 4.33 10.05
C GLY A 61 -18.79 5.80 9.78
N THR A 62 -17.74 6.59 9.69
CA THR A 62 -17.86 8.05 9.53
C THR A 62 -17.65 8.50 8.09
N LYS A 63 -17.12 7.62 7.25
CA LYS A 63 -16.75 7.93 5.87
C LYS A 63 -15.73 9.07 5.78
N THR A 64 -14.75 9.03 6.68
CA THR A 64 -13.67 10.01 6.73
C THR A 64 -12.33 9.37 6.42
N GLY A 65 -11.37 10.19 5.97
CA GLY A 65 -10.06 9.69 5.56
C GLY A 65 -10.11 8.92 4.26
N GLY A 66 -9.06 8.17 3.98
CA GLY A 66 -8.97 7.43 2.73
C GLY A 66 -8.13 8.13 1.66
N PRO A 67 -8.04 7.51 0.47
CA PRO A 67 -7.13 7.91 -0.61
C PRO A 67 -7.60 9.14 -1.38
N PHE A 68 -7.58 10.30 -0.73
CA PHE A 68 -8.14 11.51 -1.31
C PHE A 68 -7.18 12.70 -1.34
N GLY A 69 -5.89 12.37 -1.45
CA GLY A 69 -4.86 13.36 -1.74
C GLY A 69 -4.37 14.16 -0.55
N THR A 70 -4.86 13.84 0.64
CA THR A 70 -4.57 14.66 1.82
C THR A 70 -3.17 14.43 2.42
N ILE A 71 -2.51 13.34 2.02
CA ILE A 71 -1.18 13.00 2.55
C ILE A 71 -0.11 14.03 2.17
N LYS A 72 -0.36 14.81 1.12
CA LYS A 72 0.56 15.86 0.69
C LYS A 72 0.48 17.12 1.56
N HIS A 73 -0.58 17.24 2.35
CA HIS A 73 -0.77 18.37 3.27
C HIS A 73 0.31 18.35 4.35
N PRO A 74 0.92 19.50 4.65
CA PRO A 74 1.94 19.56 5.71
C PRO A 74 1.46 18.96 7.03
N ALA A 75 0.18 19.18 7.36
CA ALA A 75 -0.41 18.68 8.60
C ALA A 75 -0.49 17.16 8.70
N GLU A 76 -0.68 16.48 7.56
CA GLU A 76 -0.71 15.02 7.56
C GLU A 76 0.69 14.41 7.47
N LEU A 77 1.59 15.06 6.73
CA LEU A 77 2.98 14.60 6.64
C LEU A 77 3.69 14.67 8.00
N ALA A 78 3.22 15.58 8.85
CA ALA A 78 3.77 15.78 10.19
C ALA A 78 3.53 14.60 11.13
N HIS A 79 2.51 13.79 10.85
CA HIS A 79 2.18 12.60 11.66
C HIS A 79 3.39 11.69 11.76
N SER A 80 3.67 11.20 12.98
CA SER A 80 4.84 10.35 13.24
C SER A 80 4.85 9.08 12.39
N ALA A 81 3.67 8.49 12.18
CA ALA A 81 3.52 7.31 11.32
C ALA A 81 3.97 7.57 9.88
N ASN A 82 3.96 8.84 9.47
CA ASN A 82 4.31 9.22 8.10
C ASN A 82 5.76 9.67 7.92
N ASN A 83 6.61 9.39 8.92
CA ASN A 83 8.05 9.70 8.82
C ASN A 83 8.64 9.16 7.53
N GLY A 84 9.26 10.05 6.76
CA GLY A 84 9.91 9.68 5.50
C GLY A 84 9.07 9.85 4.25
N LEU A 85 7.76 9.93 4.42
CA LEU A 85 6.86 10.05 3.26
C LEU A 85 6.91 11.43 2.60
N ASP A 86 7.47 12.41 3.30
CA ASP A 86 7.76 13.71 2.69
C ASP A 86 8.71 13.55 1.50
N ILE A 87 9.62 12.57 1.61
CA ILE A 87 10.56 12.22 0.53
C ILE A 87 9.76 11.75 -0.70
N ALA A 88 8.79 10.85 -0.46
CA ALA A 88 7.97 10.29 -1.54
C ALA A 88 7.17 11.37 -2.27
N VAL A 89 6.53 12.24 -1.50
CA VAL A 89 5.74 13.33 -2.06
C VAL A 89 6.65 14.24 -2.90
N ARG A 90 7.80 14.61 -2.37
CA ARG A 90 8.75 15.45 -3.10
C ARG A 90 9.24 14.81 -4.39
N LEU A 91 9.55 13.51 -4.31
CA LEU A 91 10.02 12.77 -5.50
C LEU A 91 9.02 12.83 -6.66
N LEU A 92 7.72 12.77 -6.32
CA LEU A 92 6.67 12.70 -7.33
C LEU A 92 6.23 14.06 -7.85
N GLU A 93 6.62 15.14 -7.17
CA GLU A 93 6.09 16.45 -7.54
C GLU A 93 6.40 16.89 -8.97
N PRO A 94 7.65 16.73 -9.44
CA PRO A 94 7.93 17.11 -10.83
C PRO A 94 7.09 16.32 -11.85
N LEU A 95 6.92 15.03 -11.65
CA LEU A 95 6.09 14.22 -12.55
C LEU A 95 4.62 14.59 -12.49
N LYS A 96 4.10 14.78 -11.27
CA LYS A 96 2.71 15.17 -11.09
C LYS A 96 2.41 16.46 -11.85
N ALA A 97 3.36 17.39 -11.84
CA ALA A 97 3.19 18.67 -12.54
C ALA A 97 3.07 18.54 -14.06
N GLU A 98 3.50 17.40 -14.62
CA GLU A 98 3.36 17.13 -16.05
C GLU A 98 1.92 16.70 -16.39
N PHE A 99 1.12 16.42 -15.36
CA PHE A 99 -0.25 15.89 -15.52
C PHE A 99 -1.20 16.69 -14.64
N PRO A 100 -1.35 17.98 -14.95
CA PRO A 100 -2.18 18.84 -14.11
C PRO A 100 -3.65 18.40 -14.05
N ILE A 101 -4.15 17.71 -15.07
CA ILE A 101 -5.55 17.27 -15.07
C ILE A 101 -5.83 16.19 -14.01
N LEU A 102 -4.83 15.41 -13.62
CA LEU A 102 -5.06 14.32 -12.68
C LEU A 102 -5.19 14.82 -11.25
N SER A 103 -6.07 14.21 -10.46
CA SER A 103 -6.08 14.48 -9.02
C SER A 103 -4.82 13.90 -8.37
N TYR A 104 -4.36 14.53 -7.30
CA TYR A 104 -3.29 13.93 -6.50
C TYR A 104 -3.72 12.57 -5.94
N ALA A 105 -5.00 12.47 -5.57
CA ALA A 105 -5.54 11.22 -5.05
C ALA A 105 -5.34 10.06 -6.04
N ASP A 106 -5.73 10.27 -7.30
CA ASP A 106 -5.52 9.24 -8.33
C ASP A 106 -4.04 9.02 -8.60
N PHE A 107 -3.24 10.10 -8.65
CA PHE A 107 -1.83 9.97 -8.98
C PHE A 107 -1.08 9.09 -7.98
N TYR A 108 -1.34 9.28 -6.69
CA TYR A 108 -0.66 8.49 -5.66
C TYR A 108 -1.11 7.03 -5.70
N GLN A 109 -2.39 6.77 -5.96
CA GLN A 109 -2.83 5.39 -6.08
C GLN A 109 -2.27 4.71 -7.33
N LEU A 110 -2.16 5.47 -8.43
CA LEU A 110 -1.53 4.94 -9.64
C LEU A 110 -0.07 4.60 -9.37
N ALA A 111 0.62 5.46 -8.61
CA ALA A 111 2.02 5.19 -8.28
C ALA A 111 2.15 3.89 -7.47
N GLY A 112 1.20 3.62 -6.58
CA GLY A 112 1.24 2.36 -5.82
C GLY A 112 1.01 1.13 -6.70
N VAL A 113 0.07 1.22 -7.63
CA VAL A 113 -0.21 0.14 -8.58
C VAL A 113 1.05 -0.12 -9.45
N VAL A 114 1.69 0.96 -9.90
CA VAL A 114 2.87 0.82 -10.74
C VAL A 114 4.06 0.26 -9.93
N ALA A 115 4.18 0.65 -8.66
CA ALA A 115 5.25 0.12 -7.81
C ALA A 115 5.19 -1.41 -7.76
N VAL A 116 3.99 -1.95 -7.63
CA VAL A 116 3.79 -3.39 -7.58
C VAL A 116 4.15 -4.03 -8.95
N GLU A 117 3.71 -3.40 -10.03
CA GLU A 117 3.96 -3.96 -11.36
C GLU A 117 5.46 -3.96 -11.70
N VAL A 118 6.16 -2.86 -11.44
CA VAL A 118 7.56 -2.79 -11.87
C VAL A 118 8.51 -3.67 -11.06
N THR A 119 8.09 -4.07 -9.87
CA THR A 119 8.87 -5.02 -9.08
C THR A 119 8.51 -6.48 -9.38
N GLY A 120 7.64 -6.71 -10.36
CA GLY A 120 7.27 -8.05 -10.80
C GLY A 120 6.02 -8.63 -10.18
N GLY A 121 5.23 -7.79 -9.53
CA GLY A 121 4.00 -8.23 -8.89
C GLY A 121 2.81 -8.29 -9.84
N PRO A 122 1.63 -8.60 -9.29
CA PRO A 122 0.44 -8.70 -10.14
C PRO A 122 0.02 -7.35 -10.68
N GLU A 123 -0.77 -7.38 -11.73
CA GLU A 123 -1.36 -6.17 -12.29
C GLU A 123 -2.64 -5.85 -11.53
N VAL A 124 -2.59 -4.81 -10.70
CA VAL A 124 -3.74 -4.43 -9.87
C VAL A 124 -4.63 -3.52 -10.71
N PRO A 125 -5.93 -3.86 -10.87
CA PRO A 125 -6.81 -2.96 -11.65
C PRO A 125 -6.88 -1.55 -11.06
N PHE A 126 -6.94 -0.55 -11.95
CA PHE A 126 -6.99 0.85 -11.57
C PHE A 126 -8.16 1.55 -12.26
N HIS A 127 -8.96 2.26 -11.46
CA HIS A 127 -10.08 3.06 -11.96
C HIS A 127 -9.89 4.50 -11.51
N PRO A 128 -9.94 5.46 -12.46
CA PRO A 128 -9.74 6.86 -12.11
C PRO A 128 -10.99 7.52 -11.55
N GLY A 129 -10.81 8.69 -10.94
CA GLY A 129 -11.94 9.50 -10.51
C GLY A 129 -11.98 9.96 -9.06
N ARG A 130 -10.96 9.64 -8.27
CA ARG A 130 -10.91 10.11 -6.88
C ARG A 130 -10.78 11.62 -6.86
N GLU A 131 -11.53 12.27 -5.98
CA GLU A 131 -11.43 13.72 -5.87
C GLU A 131 -10.49 14.12 -4.74
N ASP A 132 -9.78 15.24 -4.92
CA ASP A 132 -8.90 15.75 -3.87
C ASP A 132 -9.75 16.46 -2.82
N LYS A 133 -9.67 15.99 -1.58
CA LYS A 133 -10.52 16.50 -0.50
C LYS A 133 -9.74 17.47 0.40
N PRO A 134 -10.45 18.45 1.00
CA PRO A 134 -9.81 19.53 1.76
C PRO A 134 -9.19 19.12 3.11
N GLU A 135 -9.85 18.26 3.85
CA GLU A 135 -9.50 18.03 5.25
C GLU A 135 -8.83 16.68 5.49
N PRO A 136 -7.58 16.70 6.01
CA PRO A 136 -6.89 15.48 6.40
C PRO A 136 -7.56 14.80 7.60
N PRO A 137 -7.52 13.46 7.65
CA PRO A 137 -8.09 12.74 8.80
C PRO A 137 -7.27 12.98 10.07
N PRO A 138 -7.86 12.69 11.25
CA PRO A 138 -7.09 12.80 12.48
C PRO A 138 -5.95 11.78 12.52
N GLU A 139 -4.89 12.13 13.25
CA GLU A 139 -3.74 11.25 13.43
C GLU A 139 -4.10 10.03 14.27
N GLY A 140 -3.41 8.91 14.02
CA GLY A 140 -3.49 7.74 14.88
C GLY A 140 -4.30 6.56 14.35
N ARG A 141 -4.64 6.60 13.06
CA ARG A 141 -5.49 5.57 12.45
C ARG A 141 -4.72 4.42 11.81
N LEU A 142 -3.46 4.65 11.48
CA LEU A 142 -2.65 3.63 10.78
C LEU A 142 -2.21 2.51 11.74
N PRO A 143 -1.90 1.32 11.20
CA PRO A 143 -1.54 0.21 12.09
C PRO A 143 -0.25 0.44 12.87
N ASP A 144 -0.18 -0.15 14.06
CA ASP A 144 0.93 -0.02 14.98
C ASP A 144 1.75 -1.31 14.96
N ALA A 145 3.01 -1.20 14.57
CA ALA A 145 3.89 -2.36 14.38
C ALA A 145 4.16 -3.19 15.63
N THR A 146 3.92 -2.60 16.79
CA THR A 146 4.20 -3.26 18.07
C THR A 146 3.01 -4.06 18.60
N LYS A 147 1.85 -3.93 17.94
CA LYS A 147 0.64 -4.62 18.40
C LYS A 147 0.39 -5.90 17.61
N GLY A 148 -0.70 -6.60 17.93
CA GLY A 148 -0.96 -7.92 17.38
C GLY A 148 -2.24 -8.06 16.59
N SER A 149 -2.83 -9.25 16.64
CA SER A 149 -3.97 -9.62 15.79
C SER A 149 -5.26 -8.86 16.06
N ASP A 150 -5.57 -8.63 17.34
CA ASP A 150 -6.73 -7.81 17.73
C ASP A 150 -6.63 -6.40 17.12
N HIS A 151 -5.45 -5.81 17.21
CA HIS A 151 -5.23 -4.49 16.66
C HIS A 151 -5.36 -4.46 15.16
N LEU A 152 -4.79 -5.47 14.48
CA LEU A 152 -4.92 -5.57 13.02
C LEU A 152 -6.38 -5.62 12.57
N ARG A 153 -7.20 -6.37 13.29
CA ARG A 153 -8.63 -6.44 12.98
C ARG A 153 -9.36 -5.13 13.27
N ASP A 154 -8.92 -4.41 14.30
CA ASP A 154 -9.51 -3.11 14.62
C ASP A 154 -9.30 -2.09 13.49
N VAL A 155 -8.08 -2.07 12.96
CA VAL A 155 -7.70 -1.09 11.94
C VAL A 155 -8.20 -1.49 10.54
N PHE A 156 -7.84 -2.69 10.09
CA PHE A 156 -8.23 -3.14 8.76
C PHE A 156 -9.69 -3.55 8.66
N GLY A 157 -10.20 -4.19 9.71
CA GLY A 157 -11.58 -4.68 9.72
C GLY A 157 -12.59 -3.64 10.16
N LYS A 158 -12.51 -3.24 11.43
CA LYS A 158 -13.50 -2.34 12.01
C LYS A 158 -13.50 -0.92 11.42
N ALA A 159 -12.31 -0.40 11.09
CA ALA A 159 -12.21 0.92 10.47
C ALA A 159 -12.27 0.86 8.94
N MET A 160 -11.33 0.16 8.32
CA MET A 160 -11.25 0.18 6.84
C MET A 160 -12.35 -0.62 6.16
N GLY A 161 -12.78 -1.72 6.80
CA GLY A 161 -13.81 -2.60 6.25
C GLY A 161 -13.31 -3.71 5.35
N LEU A 162 -12.06 -4.12 5.57
CA LEU A 162 -11.43 -5.21 4.81
C LEU A 162 -11.54 -6.54 5.55
N THR A 163 -11.29 -7.65 4.86
CA THR A 163 -11.44 -8.99 5.43
C THR A 163 -10.13 -9.54 6.03
N ASP A 164 -10.22 -10.64 6.78
CA ASP A 164 -9.03 -11.31 7.31
C ASP A 164 -8.06 -11.74 6.20
N GLN A 165 -8.61 -12.25 5.10
CA GLN A 165 -7.80 -12.58 3.93
C GLN A 165 -7.03 -11.36 3.41
N ASP A 166 -7.70 -10.22 3.33
CA ASP A 166 -7.06 -8.98 2.87
C ASP A 166 -5.90 -8.59 3.78
N ILE A 167 -6.06 -8.78 5.09
CA ILE A 167 -5.01 -8.42 6.05
C ILE A 167 -3.73 -9.19 5.79
N VAL A 168 -3.85 -10.51 5.60
CA VAL A 168 -2.67 -11.32 5.39
C VAL A 168 -2.03 -11.02 4.03
N ALA A 169 -2.86 -10.92 2.99
CA ALA A 169 -2.33 -10.66 1.66
C ALA A 169 -1.61 -9.30 1.62
N LEU A 170 -2.23 -8.26 2.21
CA LEU A 170 -1.63 -6.92 2.20
C LEU A 170 -0.35 -6.84 3.03
N SER A 171 -0.25 -7.65 4.09
CA SER A 171 0.97 -7.70 4.89
C SER A 171 2.14 -8.13 4.00
N GLY A 172 1.82 -8.88 2.96
CA GLY A 172 2.80 -9.32 1.98
C GLY A 172 3.43 -8.19 1.17
N GLY A 173 2.87 -6.99 1.26
CA GLY A 173 3.51 -5.81 0.65
C GLY A 173 4.92 -5.60 1.16
N HIS A 174 5.19 -6.07 2.38
CA HIS A 174 6.52 -6.00 2.99
CA HIS A 174 6.53 -5.97 2.96
C HIS A 174 7.55 -6.90 2.30
N THR A 175 7.10 -7.66 1.30
CA THR A 175 8.04 -8.40 0.46
C THR A 175 9.00 -7.47 -0.28
N ILE A 176 8.60 -6.21 -0.49
CA ILE A 176 9.52 -5.20 -1.00
C ILE A 176 9.81 -4.15 0.08
N GLY A 177 11.03 -3.65 0.08
CA GLY A 177 11.39 -2.56 0.96
C GLY A 177 12.00 -2.94 2.29
N ALA A 178 12.08 -1.93 3.15
CA ALA A 178 12.82 -2.04 4.39
C ALA A 178 12.32 -1.00 5.37
N ALA A 179 12.61 -1.24 6.65
CA ALA A 179 12.42 -0.23 7.69
C ALA A 179 13.72 0.55 7.92
N HIS A 180 13.58 1.74 8.49
CA HIS A 180 14.72 2.66 8.69
C HIS A 180 14.69 3.18 10.12
N LYS A 181 15.84 3.09 10.81
CA LYS A 181 15.86 3.47 12.22
C LYS A 181 15.52 4.95 12.45
N GLU A 182 15.74 5.79 11.43
CA GLU A 182 15.37 7.20 11.52
C GLU A 182 13.90 7.48 11.17
N ARG A 183 13.20 6.49 10.63
CA ARG A 183 11.78 6.67 10.28
C ARG A 183 10.91 6.02 11.36
N SER A 184 10.63 4.73 11.24
CA SER A 184 9.89 4.05 12.30
C SER A 184 10.76 3.75 13.52
N GLY A 185 12.03 3.46 13.29
CA GLY A 185 12.89 2.96 14.36
C GLY A 185 13.31 1.52 14.12
N PHE A 186 12.45 0.75 13.46
CA PHE A 186 12.83 -0.60 13.03
C PHE A 186 13.83 -0.46 11.89
N GLU A 187 14.53 -1.54 11.56
CA GLU A 187 15.64 -1.40 10.62
C GLU A 187 15.87 -2.64 9.78
N GLY A 188 15.89 -2.42 8.47
CA GLY A 188 16.30 -3.47 7.55
C GLY A 188 15.17 -4.07 6.73
N PRO A 189 15.53 -4.87 5.72
CA PRO A 189 14.57 -5.51 4.83
C PRO A 189 13.93 -6.74 5.43
N TRP A 190 12.71 -7.05 5.00
CA TRP A 190 12.04 -8.29 5.36
C TRP A 190 12.56 -9.47 4.56
N THR A 191 13.08 -9.20 3.36
CA THR A 191 13.49 -10.27 2.44
C THR A 191 14.90 -10.07 1.88
N SER A 192 15.45 -11.11 1.28
CA SER A 192 16.78 -11.07 0.67
CA SER A 192 16.79 -11.05 0.69
C SER A 192 16.77 -10.38 -0.69
N ASN A 193 15.58 -10.17 -1.22
CA ASN A 193 15.37 -9.52 -2.53
C ASN A 193 14.33 -8.40 -2.42
N PRO A 194 14.68 -7.31 -1.73
CA PRO A 194 13.68 -6.27 -1.40
C PRO A 194 13.21 -5.35 -2.54
N LEU A 195 13.66 -5.58 -3.77
CA LEU A 195 13.05 -4.92 -4.93
C LEU A 195 12.33 -5.90 -5.86
N ILE A 196 12.09 -7.12 -5.36
CA ILE A 196 11.38 -8.15 -6.13
C ILE A 196 10.09 -8.52 -5.41
N PHE A 197 8.96 -8.35 -6.08
CA PHE A 197 7.68 -8.67 -5.50
C PHE A 197 7.40 -10.16 -5.68
N ASP A 198 7.47 -10.91 -4.58
CA ASP A 198 7.28 -12.38 -4.62
C ASP A 198 6.73 -12.80 -3.26
N ASN A 199 6.57 -14.10 -3.04
CA ASN A 199 6.02 -14.58 -1.76
C ASN A 199 7.05 -14.77 -0.64
N SER A 200 8.26 -14.23 -0.81
CA SER A 200 9.35 -14.43 0.14
C SER A 200 9.06 -13.91 1.55
N TYR A 201 8.24 -12.87 1.65
CA TYR A 201 7.81 -12.38 2.96
C TYR A 201 7.26 -13.53 3.81
N PHE A 202 6.44 -14.39 3.21
CA PHE A 202 5.79 -15.49 3.91
C PHE A 202 6.74 -16.64 4.20
N THR A 203 7.61 -16.96 3.24
CA THR A 203 8.66 -17.98 3.40
CA THR A 203 8.59 -18.01 3.47
C THR A 203 9.57 -17.64 4.57
N GLU A 204 9.98 -16.37 4.63
CA GLU A 204 10.88 -15.89 5.69
C GLU A 204 10.19 -15.91 7.05
N LEU A 205 8.93 -15.52 7.08
CA LEU A 205 8.14 -15.50 8.32
C LEU A 205 8.08 -16.92 8.92
N LEU A 206 7.92 -17.92 8.07
CA LEU A 206 7.85 -19.32 8.50
C LEU A 206 9.19 -19.91 8.98
N SER A 207 10.26 -19.62 8.25
CA SER A 207 11.57 -20.23 8.54
C SER A 207 12.20 -19.79 9.86
N GLY A 208 11.67 -18.72 10.45
CA GLY A 208 12.23 -18.15 11.67
C GLY A 208 12.96 -16.84 11.46
N GLU A 209 13.63 -16.40 12.51
CA GLU A 209 14.35 -15.12 12.55
C GLU A 209 15.75 -15.26 11.97
N LYS A 210 15.89 -15.02 10.67
CA LYS A 210 17.17 -15.06 9.98
C LYS A 210 17.99 -13.80 10.23
N GLU A 211 19.29 -13.98 10.43
CA GLU A 211 20.24 -12.88 10.56
C GLU A 211 20.17 -11.93 9.35
N GLY A 212 20.03 -10.63 9.64
CA GLY A 212 19.96 -9.61 8.59
C GLY A 212 18.57 -9.21 8.13
N LEU A 213 17.57 -10.02 8.46
CA LEU A 213 16.19 -9.76 8.04
C LEU A 213 15.29 -9.31 9.19
N LEU A 214 14.27 -8.55 8.85
CA LEU A 214 13.36 -7.93 9.82
C LEU A 214 12.04 -8.68 9.93
N GLN A 215 11.56 -8.82 11.16
CA GLN A 215 10.17 -9.21 11.43
C GLN A 215 9.59 -8.27 12.48
N LEU A 216 8.50 -7.57 12.16
CA LEU A 216 7.79 -6.75 13.14
C LEU A 216 6.91 -7.63 14.03
N PRO A 217 6.60 -7.17 15.26
CA PRO A 217 5.61 -7.89 16.07
C PRO A 217 4.28 -8.11 15.32
N SER A 218 3.89 -7.13 14.49
CA SER A 218 2.66 -7.25 13.69
C SER A 218 2.74 -8.33 12.60
N ASP A 219 3.95 -8.58 12.08
CA ASP A 219 4.16 -9.69 11.16
C ASP A 219 4.03 -11.02 11.92
N LYS A 220 4.67 -11.08 13.10
CA LYS A 220 4.69 -12.30 13.90
C LYS A 220 3.30 -12.70 14.37
N ALA A 221 2.42 -11.71 14.54
CA ALA A 221 1.05 -11.94 14.97
C ALA A 221 0.27 -12.81 13.98
N LEU A 222 0.67 -12.76 12.71
CA LEU A 222 0.02 -13.60 11.70
C LEU A 222 0.23 -15.09 11.95
N LEU A 223 1.38 -15.44 12.52
CA LEU A 223 1.76 -16.85 12.71
C LEU A 223 0.99 -17.59 13.78
N SER A 224 0.51 -16.86 14.79
CA SER A 224 -0.16 -17.48 15.93
C SER A 224 -1.69 -17.32 15.95
N ASP A 225 -2.23 -16.57 14.99
CA ASP A 225 -3.68 -16.42 14.85
C ASP A 225 -4.28 -17.60 14.07
N PRO A 226 -5.36 -18.20 14.60
CA PRO A 226 -6.00 -19.35 13.91
C PRO A 226 -6.52 -19.08 12.50
N VAL A 227 -6.93 -17.85 12.20
CA VAL A 227 -7.39 -17.53 10.84
C VAL A 227 -6.22 -17.09 9.94
N PHE A 228 -5.30 -16.28 10.47
CA PHE A 228 -4.20 -15.77 9.66
C PHE A 228 -3.19 -16.85 9.28
N ARG A 229 -2.88 -17.76 10.21
CA ARG A 229 -1.82 -18.74 9.93
C ARG A 229 -2.06 -19.63 8.69
N PRO A 230 -3.28 -20.21 8.54
CA PRO A 230 -3.50 -20.98 7.31
C PRO A 230 -3.31 -20.17 6.01
N LEU A 231 -3.57 -18.87 6.07
CA LEU A 231 -3.30 -17.98 4.93
C LEU A 231 -1.80 -17.79 4.67
N VAL A 232 -1.05 -17.55 5.74
CA VAL A 232 0.41 -17.53 5.62
C VAL A 232 0.97 -18.80 4.98
N ASP A 233 0.50 -19.95 5.45
CA ASP A 233 0.93 -21.23 4.91
C ASP A 233 0.58 -21.36 3.42
N LYS A 234 -0.63 -20.94 3.07
CA LYS A 234 -1.09 -21.00 1.68
C LYS A 234 -0.20 -20.15 0.77
N TYR A 235 0.08 -18.91 1.19
CA TYR A 235 0.87 -18.01 0.35
C TYR A 235 2.34 -18.42 0.25
N ALA A 236 2.86 -19.03 1.31
CA ALA A 236 4.23 -19.52 1.27
C ALA A 236 4.38 -20.69 0.28
N ALA A 237 3.32 -21.49 0.15
CA ALA A 237 3.32 -22.65 -0.74
C ALA A 237 2.91 -22.34 -2.17
N ASP A 238 2.16 -21.25 -2.36
CA ASP A 238 1.51 -20.97 -3.65
C ASP A 238 1.57 -19.48 -3.99
N GLU A 239 2.62 -19.08 -4.71
CA GLU A 239 2.80 -17.68 -5.10
CA GLU A 239 2.79 -17.68 -5.08
C GLU A 239 1.65 -17.18 -5.97
N ASP A 240 1.11 -18.04 -6.83
CA ASP A 240 -0.02 -17.63 -7.68
C ASP A 240 -1.25 -17.27 -6.84
N ALA A 241 -1.50 -18.04 -5.78
CA ALA A 241 -2.61 -17.73 -4.88
C ALA A 241 -2.37 -16.42 -4.14
N PHE A 242 -1.12 -16.19 -3.72
CA PHE A 242 -0.76 -14.90 -3.13
C PHE A 242 -1.01 -13.75 -4.11
N PHE A 243 -0.57 -13.89 -5.34
CA PHE A 243 -0.72 -12.81 -6.32
C PHE A 243 -2.19 -12.50 -6.56
N ALA A 244 -3.03 -13.52 -6.63
CA ALA A 244 -4.46 -13.29 -6.84
C ALA A 244 -5.10 -12.55 -5.67
N ASP A 245 -4.84 -13.03 -4.45
CA ASP A 245 -5.41 -12.42 -3.26
C ASP A 245 -4.84 -11.02 -3.02
N TYR A 246 -3.55 -10.84 -3.29
CA TYR A 246 -2.92 -9.53 -3.16
C TYR A 246 -3.57 -8.51 -4.11
N ALA A 247 -3.74 -8.89 -5.36
CA ALA A 247 -4.34 -7.96 -6.32
C ALA A 247 -5.75 -7.52 -5.89
N GLU A 248 -6.55 -8.47 -5.40
CA GLU A 248 -7.89 -8.17 -4.92
C GLU A 248 -7.85 -7.20 -3.73
N ALA A 249 -6.96 -7.47 -2.77
CA ALA A 249 -6.86 -6.66 -1.57
C ALA A 249 -6.33 -5.23 -1.84
N HIS A 250 -5.31 -5.12 -2.69
CA HIS A 250 -4.73 -3.81 -3.01
C HIS A 250 -5.80 -2.99 -3.73
N GLN A 251 -6.51 -3.60 -4.67
CA GLN A 251 -7.56 -2.82 -5.33
C GLN A 251 -8.56 -2.28 -4.31
N LYS A 252 -9.03 -3.13 -3.40
CA LYS A 252 -9.97 -2.68 -2.35
C LYS A 252 -9.38 -1.55 -1.50
N LEU A 253 -8.14 -1.71 -1.05
CA LEU A 253 -7.49 -0.67 -0.26
C LEU A 253 -7.44 0.66 -1.02
N SER A 254 -7.05 0.60 -2.28
CA SER A 254 -6.89 1.81 -3.10
C SER A 254 -8.20 2.53 -3.40
N GLU A 255 -9.33 1.83 -3.18
CA GLU A 255 -10.65 2.35 -3.48
C GLU A 255 -11.51 2.59 -2.24
N LEU A 256 -10.91 2.53 -1.04
CA LEU A 256 -11.68 2.77 0.19
C LEU A 256 -12.35 4.13 0.13
N GLY A 257 -13.66 4.16 0.37
CA GLY A 257 -14.42 5.41 0.36
C GLY A 257 -14.69 6.02 -1.01
N PHE A 258 -14.25 5.33 -2.04
CA PHE A 258 -14.32 5.81 -3.41
C PHE A 258 -15.26 4.92 -4.21
N ALA A 259 -16.18 5.57 -4.94
CA ALA A 259 -17.13 4.88 -5.81
C ALA A 259 -18.03 3.92 -5.04
N ASP A 260 -18.45 4.35 -3.85
CA ASP A 260 -19.23 3.55 -2.89
C ASP A 260 -18.39 2.45 -2.23
S SO4 B . -3.21 -6.44 20.48
O1 SO4 B . -4.24 -5.49 20.86
O2 SO4 B . -3.33 -7.67 21.26
O3 SO4 B . -3.37 -6.75 19.07
O4 SO4 B . -1.90 -5.82 20.71
C CYN C . 3.40 0.54 6.02
N CYN C . 2.79 1.47 6.22
CHA HEM D . 7.28 -0.12 5.68
CHB HEM D . 4.37 -1.18 9.43
CHC HEM D . 0.87 -2.47 6.36
CHD HEM D . 3.79 -1.55 2.62
C1A HEM D . 6.77 -0.25 6.96
C2A HEM D . 7.48 0.10 8.17
C3A HEM D . 6.67 -0.18 9.21
C4A HEM D . 5.44 -0.74 8.68
CMA HEM D . 6.96 0.01 10.71
CAA HEM D . 8.89 0.72 8.21
CBA HEM D . 8.89 2.22 7.90
CGA HEM D . 10.31 2.73 7.93
O1A HEM D . 10.95 2.68 9.03
O2A HEM D . 10.84 3.14 6.86
C1B HEM D . 3.21 -1.73 8.92
C2B HEM D . 2.20 -2.43 9.67
C3B HEM D . 1.24 -2.81 8.84
C4B HEM D . 1.60 -2.34 7.51
CMB HEM D . 2.26 -2.71 11.18
CAB HEM D . -0.02 -3.63 9.20
CBB HEM D . -0.24 -4.77 8.53
C1C HEM D . 1.33 -2.24 5.08
C2C HEM D . 0.55 -2.34 3.87
C3C HEM D . 1.35 -2.10 2.83
C4C HEM D . 2.67 -1.81 3.35
CMC HEM D . -0.96 -2.69 3.85
CAC HEM D . 1.03 -2.09 1.34
CBC HEM D . 0.35 -3.10 0.77
C1D HEM D . 5.01 -1.17 3.11
C2D HEM D . 6.19 -1.07 2.32
C3D HEM D . 7.27 -0.61 3.25
C4D HEM D . 6.65 -0.50 4.54
CMD HEM D . 6.35 -1.35 0.83
CAD HEM D . 8.74 -0.35 2.88
CBD HEM D . 9.02 1.14 2.77
CGD HEM D . 10.43 1.46 2.30
O1D HEM D . 10.78 2.66 2.41
O2D HEM D . 11.17 0.54 1.84
NA HEM D . 5.56 -0.76 7.31
NB HEM D . 2.81 -1.69 7.61
NC HEM D . 2.61 -1.91 4.71
ND HEM D . 5.31 -0.87 4.42
FE HEM D . 4.11 -1.38 6.01
#